data_4QJ9
#
_entry.id   4QJ9
#
_cell.length_a   50.861
_cell.length_b   57.883
_cell.length_c   61.756
_cell.angle_alpha   90.00
_cell.angle_beta   90.00
_cell.angle_gamma   90.00
#
_symmetry.space_group_name_H-M   'P 21 21 21'
#
loop_
_entity.id
_entity.type
_entity.pdbx_description
1 polymer Protease
2 polymer 'p1-p6 peptide'
3 non-polymer 'PHOSPHATE ION'
4 non-polymer GLYCEROL
5 water water
#
loop_
_entity_poly.entity_id
_entity_poly.type
_entity_poly.pdbx_seq_one_letter_code
_entity_poly.pdbx_strand_id
1 'polypeptide(L)'
;PQITLWKRPLVTIRIGGQLKEALLNTGADDTVLEEMNLPGKWKPKMIGGIGGFIKVRQYDQIPIEICGHKVIGTVLVGPT
PVNIIGRNLLTQIGCTLNF
;
A,B
2 'polypeptide(L)' RPGNFLQSSP G
#
# COMPACT_ATOMS: atom_id res chain seq x y z
N PRO A 1 11.53 11.30 -11.01
CA PRO A 1 10.73 12.41 -10.49
C PRO A 1 10.51 12.30 -9.00
N GLN A 2 9.98 13.37 -8.41
CA GLN A 2 9.47 13.38 -7.04
C GLN A 2 7.96 13.43 -7.11
N ILE A 3 7.31 12.49 -6.44
CA ILE A 3 5.87 12.33 -6.51
C ILE A 3 5.28 12.51 -5.13
N THR A 4 4.43 13.53 -4.97
CA THR A 4 3.70 13.73 -3.74
C THR A 4 2.46 12.85 -3.72
N LEU A 5 1.79 12.82 -2.58
CA LEU A 5 0.84 11.75 -2.30
C LEU A 5 -0.57 12.25 -2.00
N TRP A 6 -0.86 13.47 -2.44
CA TRP A 6 -2.20 14.02 -2.28
C TRP A 6 -3.20 13.32 -3.20
N LYS A 7 -2.70 12.74 -4.29
CA LYS A 7 -3.51 11.87 -5.12
C LYS A 7 -2.83 10.52 -5.17
N ARG A 8 -3.56 9.50 -5.62
N ARG A 8 -3.56 9.50 -5.62
CA ARG A 8 -2.97 8.17 -5.80
CA ARG A 8 -2.97 8.18 -5.82
C ARG A 8 -1.81 8.26 -6.79
C ARG A 8 -1.80 8.27 -6.79
N PRO A 9 -0.67 7.60 -6.47
CA PRO A 9 0.51 7.68 -7.35
C PRO A 9 0.43 6.74 -8.55
N LEU A 10 -0.39 7.14 -9.52
CA LEU A 10 -0.60 6.36 -10.71
C LEU A 10 0.37 6.80 -11.80
N VAL A 11 1.00 5.82 -12.44
CA VAL A 11 1.92 6.07 -13.54
C VAL A 11 1.63 5.17 -14.74
N THR A 12 2.15 5.53 -15.91
CA THR A 12 1.97 4.70 -17.07
C THR A 12 3.10 3.69 -17.12
N ILE A 13 2.74 2.47 -17.46
CA ILE A 13 3.69 1.40 -17.66
C ILE A 13 3.49 0.82 -19.03
N ARG A 14 4.54 0.20 -19.59
N ARG A 14 4.54 0.21 -19.58
CA ARG A 14 4.40 -0.60 -20.80
CA ARG A 14 4.40 -0.62 -20.77
C ARG A 14 4.86 -2.01 -20.50
C ARG A 14 4.83 -2.02 -20.44
N ILE A 15 4.03 -2.99 -20.85
CA ILE A 15 4.31 -4.40 -20.58
C ILE A 15 3.70 -5.23 -21.70
N GLY A 16 4.48 -6.18 -22.19
CA GLY A 16 4.10 -6.98 -23.34
C GLY A 16 3.67 -6.16 -24.54
N GLY A 17 4.22 -4.96 -24.67
CA GLY A 17 3.93 -4.09 -25.81
C GLY A 17 2.79 -3.11 -25.57
N GLN A 18 2.12 -3.25 -24.43
CA GLN A 18 0.87 -2.54 -24.17
C GLN A 18 1.03 -1.54 -23.04
N LEU A 19 0.36 -0.41 -23.18
CA LEU A 19 0.35 0.64 -22.15
C LEU A 19 -0.79 0.45 -21.15
N LYS A 20 -0.47 0.60 -19.86
CA LYS A 20 -1.44 0.52 -18.78
C LYS A 20 -1.15 1.57 -17.73
N GLU A 21 -2.11 1.81 -16.85
N GLU A 21 -2.13 1.85 -16.88
CA GLU A 21 -1.91 2.68 -15.69
CA GLU A 21 -1.91 2.69 -15.69
C GLU A 21 -1.78 1.83 -14.44
C GLU A 21 -1.72 1.79 -14.49
N ALA A 22 -0.79 2.15 -13.61
CA ALA A 22 -0.54 1.36 -12.41
C ALA A 22 -0.17 2.22 -11.20
N LEU A 23 -0.44 1.68 -10.02
CA LEU A 23 -0.28 2.39 -8.78
C LEU A 23 1.05 1.99 -8.13
N LEU A 24 1.88 2.97 -7.81
CA LEU A 24 3.15 2.73 -7.11
C LEU A 24 2.83 2.48 -5.63
N ASN A 25 3.11 1.27 -5.19
CA ASN A 25 2.55 0.77 -3.95
C ASN A 25 3.64 0.22 -3.06
N THR A 26 4.13 1.05 -2.15
CA THR A 26 5.14 0.63 -1.19
C THR A 26 4.64 -0.35 -0.17
N GLY A 27 3.31 -0.52 -0.11
CA GLY A 27 2.69 -1.53 0.79
C GLY A 27 2.50 -2.89 0.16
N ALA A 28 3.02 -3.09 -1.05
CA ALA A 28 2.96 -4.37 -1.71
C ALA A 28 4.36 -4.96 -1.90
N ASP A 29 4.52 -6.21 -1.48
CA ASP A 29 5.77 -6.94 -1.72
C ASP A 29 5.99 -7.19 -3.22
N ASP A 30 4.88 -7.43 -3.92
CA ASP A 30 4.85 -7.93 -5.29
C ASP A 30 4.07 -7.02 -6.20
N THR A 31 4.31 -7.21 -7.48
CA THR A 31 3.62 -6.48 -8.52
C THR A 31 2.46 -7.35 -9.03
N VAL A 32 1.26 -6.79 -9.06
CA VAL A 32 0.07 -7.50 -9.48
C VAL A 32 -0.70 -6.67 -10.46
N LEU A 33 -0.96 -7.25 -11.61
CA LEU A 33 -1.69 -6.56 -12.68
C LEU A 33 -3.03 -7.22 -12.90
N GLU A 34 -3.97 -6.41 -13.36
CA GLU A 34 -5.29 -6.88 -13.72
C GLU A 34 -5.20 -7.94 -14.80
N GLU A 35 -6.24 -8.75 -14.89
CA GLU A 35 -6.28 -9.85 -15.85
C GLU A 35 -5.82 -9.41 -17.23
N MET A 36 -4.86 -10.14 -17.78
CA MET A 36 -4.32 -9.86 -19.09
C MET A 36 -3.54 -11.10 -19.55
N ASN A 37 -3.22 -11.15 -20.82
CA ASN A 37 -2.33 -12.18 -21.35
C ASN A 37 -0.89 -11.71 -21.30
N LEU A 38 0.02 -12.61 -20.96
CA LEU A 38 1.44 -12.35 -21.09
C LEU A 38 2.11 -13.54 -21.69
N PRO A 39 3.16 -13.31 -22.49
CA PRO A 39 3.84 -14.45 -23.12
C PRO A 39 4.58 -15.29 -22.10
N GLY A 40 4.67 -16.58 -22.38
CA GLY A 40 5.58 -17.46 -21.66
C GLY A 40 4.87 -18.28 -20.61
N LYS A 41 5.65 -19.04 -19.87
CA LYS A 41 5.14 -19.93 -18.85
C LYS A 41 4.76 -19.14 -17.60
N TRP A 42 3.71 -19.58 -16.93
CA TRP A 42 3.36 -19.03 -15.63
C TRP A 42 3.13 -20.16 -14.63
N LYS A 43 3.12 -19.81 -13.35
CA LYS A 43 2.73 -20.76 -12.32
C LYS A 43 1.66 -20.19 -11.39
N PRO A 44 0.72 -21.05 -10.95
CA PRO A 44 -0.34 -20.59 -10.06
C PRO A 44 0.19 -20.26 -8.67
N LYS A 45 -0.20 -19.09 -8.15
CA LYS A 45 0.17 -18.64 -6.80
C LYS A 45 -1.05 -18.02 -6.13
N MET A 46 -0.95 -17.78 -4.84
CA MET A 46 -1.95 -17.00 -4.15
C MET A 46 -1.27 -15.88 -3.41
N ILE A 47 -1.94 -14.75 -3.33
CA ILE A 47 -1.44 -13.61 -2.57
C ILE A 47 -2.56 -13.03 -1.75
N GLY A 48 -2.18 -12.26 -0.74
CA GLY A 48 -3.11 -11.79 0.22
C GLY A 48 -2.90 -10.35 0.53
N GLY A 49 -3.93 -9.75 1.10
N GLY A 49 -3.99 -9.71 0.90
CA GLY A 49 -3.83 -8.41 1.67
CA GLY A 49 -4.03 -8.27 1.08
C GLY A 49 -5.10 -8.15 2.44
C GLY A 49 -4.95 -7.97 2.25
N ILE A 50 -5.49 -6.88 2.53
N ILE A 50 -5.61 -6.82 2.19
CA ILE A 50 -6.74 -6.57 3.17
CA ILE A 50 -6.32 -6.33 3.34
C ILE A 50 -7.87 -7.20 2.37
C ILE A 50 -7.67 -6.99 3.49
N GLY A 51 -8.77 -7.86 3.08
N GLY A 51 -8.16 -7.64 2.43
CA GLY A 51 -9.90 -8.46 2.44
CA GLY A 51 -9.51 -8.23 2.43
C GLY A 51 -9.64 -9.89 2.01
C GLY A 51 -9.55 -9.76 2.39
N GLY A 52 -8.40 -10.35 2.14
CA GLY A 52 -8.18 -11.79 2.03
C GLY A 52 -7.22 -12.14 0.90
N PHE A 53 -7.39 -13.34 0.36
CA PHE A 53 -6.46 -13.88 -0.61
C PHE A 53 -7.11 -14.05 -1.97
N ILE A 54 -6.32 -13.87 -3.01
CA ILE A 54 -6.75 -14.13 -4.37
C ILE A 54 -5.77 -15.06 -5.09
N LYS A 55 -6.26 -15.72 -6.13
CA LYS A 55 -5.43 -16.57 -6.97
C LYS A 55 -4.85 -15.73 -8.09
N VAL A 56 -3.56 -15.91 -8.36
CA VAL A 56 -2.87 -15.21 -9.45
C VAL A 56 -2.01 -16.17 -10.30
N ARG A 57 -1.64 -15.70 -11.49
CA ARG A 57 -0.64 -16.34 -12.31
C ARG A 57 0.67 -15.61 -12.15
N GLN A 58 1.73 -16.35 -11.84
CA GLN A 58 3.06 -15.75 -11.69
C GLN A 58 3.90 -15.91 -12.95
N TYR A 59 4.26 -14.78 -13.54
CA TYR A 59 5.19 -14.73 -14.66
C TYR A 59 6.53 -14.23 -14.18
N ASP A 60 7.59 -14.95 -14.51
CA ASP A 60 8.94 -14.55 -14.10
C ASP A 60 9.69 -13.78 -15.20
N GLN A 61 10.60 -12.92 -14.76
CA GLN A 61 11.57 -12.28 -15.64
C GLN A 61 10.90 -11.56 -16.82
N ILE A 62 9.88 -10.76 -16.48
CA ILE A 62 9.10 -10.02 -17.45
C ILE A 62 9.57 -8.57 -17.53
N PRO A 63 9.94 -8.10 -18.74
CA PRO A 63 10.31 -6.71 -18.87
C PRO A 63 9.11 -5.79 -18.75
N ILE A 64 9.30 -4.69 -18.06
CA ILE A 64 8.26 -3.73 -17.88
C ILE A 64 8.91 -2.36 -17.73
N GLU A 65 8.38 -1.37 -18.44
CA GLU A 65 8.89 -0.01 -18.33
C GLU A 65 7.95 0.79 -17.46
N ILE A 66 8.50 1.39 -16.40
CA ILE A 66 7.67 2.08 -15.42
C ILE A 66 8.03 3.55 -15.39
N CYS A 67 7.10 4.36 -15.88
CA CYS A 67 7.31 5.80 -15.94
C CYS A 67 8.68 6.09 -16.55
N GLY A 68 9.03 5.37 -17.61
CA GLY A 68 10.28 5.60 -18.34
C GLY A 68 11.50 4.86 -17.80
N HIS A 69 11.33 4.06 -16.75
CA HIS A 69 12.45 3.28 -16.20
C HIS A 69 12.22 1.79 -16.42
N LYS A 70 13.27 1.12 -16.87
CA LYS A 70 13.20 -0.30 -17.19
C LYS A 70 13.35 -1.23 -15.96
N VAL A 71 12.51 -2.25 -15.90
CA VAL A 71 12.61 -3.29 -14.87
C VAL A 71 12.42 -4.62 -15.58
N ILE A 72 12.94 -5.69 -15.00
CA ILE A 72 12.67 -7.04 -15.50
C ILE A 72 12.53 -7.93 -14.27
N GLY A 73 11.32 -8.39 -14.02
CA GLY A 73 11.10 -9.19 -12.86
C GLY A 73 9.76 -9.85 -12.81
N THR A 74 9.37 -10.27 -11.62
CA THR A 74 8.20 -11.08 -11.44
C THR A 74 6.95 -10.24 -11.50
N VAL A 75 5.99 -10.69 -12.32
CA VAL A 75 4.72 -9.98 -12.48
C VAL A 75 3.61 -10.98 -12.24
N LEU A 76 2.71 -10.64 -11.31
CA LEU A 76 1.56 -11.47 -11.01
C LEU A 76 0.37 -10.92 -11.74
N VAL A 77 -0.50 -11.82 -12.21
CA VAL A 77 -1.68 -11.42 -12.93
C VAL A 77 -2.91 -12.08 -12.30
N GLY A 78 -3.89 -11.28 -11.98
CA GLY A 78 -5.13 -11.80 -11.41
C GLY A 78 -6.11 -10.72 -11.08
N PRO A 79 -7.12 -11.06 -10.26
CA PRO A 79 -8.24 -10.15 -10.04
C PRO A 79 -7.96 -9.07 -8.99
N THR A 80 -6.84 -8.37 -9.16
CA THR A 80 -6.57 -7.19 -8.34
C THR A 80 -7.51 -6.05 -8.74
N PRO A 81 -7.95 -5.23 -7.77
CA PRO A 81 -8.79 -4.08 -8.13
C PRO A 81 -8.11 -3.04 -8.98
N VAL A 82 -6.80 -2.93 -8.87
CA VAL A 82 -6.03 -1.99 -9.68
C VAL A 82 -4.64 -2.57 -9.97
N ASN A 83 -4.05 -2.18 -11.08
CA ASN A 83 -2.66 -2.56 -11.39
C ASN A 83 -1.76 -1.98 -10.33
N ILE A 84 -0.93 -2.83 -9.73
CA ILE A 84 -0.07 -2.45 -8.63
C ILE A 84 1.39 -2.75 -8.96
N ILE A 85 2.25 -1.74 -8.82
CA ILE A 85 3.69 -1.93 -8.86
C ILE A 85 4.21 -1.99 -7.42
N GLY A 86 4.73 -3.16 -7.07
CA GLY A 86 5.18 -3.41 -5.73
C GLY A 86 6.68 -3.30 -5.58
N ARG A 87 7.17 -3.61 -4.40
CA ARG A 87 8.56 -3.29 -4.06
C ARG A 87 9.55 -4.07 -4.92
N ASN A 88 9.15 -5.25 -5.40
CA ASN A 88 10.07 -6.03 -6.24
C ASN A 88 10.54 -5.24 -7.48
N LEU A 89 9.67 -4.40 -8.05
CA LEU A 89 10.04 -3.55 -9.18
C LEU A 89 10.37 -2.10 -8.80
N LEU A 90 9.81 -1.62 -7.71
CA LEU A 90 10.13 -0.27 -7.22
C LEU A 90 11.62 -0.20 -6.90
N THR A 91 12.19 -1.29 -6.35
CA THR A 91 13.62 -1.34 -6.07
C THR A 91 14.44 -1.27 -7.35
N GLN A 92 13.95 -1.91 -8.42
CA GLN A 92 14.69 -1.98 -9.70
C GLN A 92 14.79 -0.62 -10.34
N ILE A 93 13.82 0.27 -10.07
CA ILE A 93 13.80 1.59 -10.73
C ILE A 93 14.32 2.67 -9.78
N GLY A 94 14.79 2.24 -8.61
CA GLY A 94 15.51 3.11 -7.70
C GLY A 94 14.62 3.99 -6.86
N CYS A 95 13.43 3.51 -6.57
N CYS A 95 13.40 3.51 -6.60
CA CYS A 95 12.44 4.30 -5.87
CA CYS A 95 12.42 4.25 -5.78
C CYS A 95 12.67 4.25 -4.35
C CYS A 95 12.80 4.27 -4.32
N THR A 96 12.65 5.42 -3.69
CA THR A 96 12.72 5.52 -2.24
C THR A 96 11.57 6.37 -1.73
N LEU A 97 11.27 6.23 -0.45
CA LEU A 97 10.39 7.14 0.25
C LEU A 97 11.24 8.17 0.97
N ASN A 98 10.76 9.40 1.01
CA ASN A 98 11.57 10.50 1.58
C ASN A 98 10.68 11.45 2.34
N PHE A 99 11.08 11.78 3.56
CA PHE A 99 10.40 12.84 4.30
C PHE A 99 11.36 13.51 5.27
N PRO B 1 14.00 11.54 6.63
CA PRO B 1 14.89 10.43 6.28
C PRO B 1 14.62 9.87 4.89
N GLN B 2 15.47 8.94 4.46
CA GLN B 2 15.25 8.24 3.21
C GLN B 2 15.08 6.78 3.51
N ILE B 3 14.04 6.19 2.93
CA ILE B 3 13.72 4.81 3.21
C ILE B 3 13.75 4.03 1.91
N THR B 4 14.69 3.07 1.81
CA THR B 4 14.74 2.18 0.68
C THR B 4 13.64 1.14 0.79
N LEU B 5 13.44 0.40 -0.28
CA LEU B 5 12.28 -0.49 -0.38
C LEU B 5 12.69 -1.95 -0.57
N TRP B 6 13.94 -2.25 -0.22
CA TRP B 6 14.40 -3.63 -0.22
C TRP B 6 13.54 -4.51 0.71
N LYS B 7 13.21 -3.92 1.86
CA LYS B 7 12.36 -4.54 2.87
C LYS B 7 11.09 -3.72 3.01
N ARG B 8 10.09 -4.27 3.70
CA ARG B 8 8.88 -3.49 4.01
C ARG B 8 9.29 -2.23 4.76
N PRO B 9 8.79 -1.06 4.30
CA PRO B 9 9.12 0.21 4.96
C PRO B 9 8.34 0.38 6.25
N LEU B 10 8.80 -0.32 7.29
CA LEU B 10 8.21 -0.25 8.60
C LEU B 10 8.90 0.84 9.43
N VAL B 11 8.11 1.65 10.11
CA VAL B 11 8.64 2.71 11.01
C VAL B 11 7.87 2.68 12.32
N THR B 12 8.38 3.39 13.32
CA THR B 12 7.70 3.43 14.61
C THR B 12 6.72 4.59 14.60
N ILE B 13 5.52 4.34 15.07
CA ILE B 13 4.56 5.38 15.22
C ILE B 13 4.12 5.44 16.67
N ARG B 14 3.55 6.58 17.03
N ARG B 14 3.56 6.57 17.08
CA ARG B 14 3.06 6.84 18.37
CA ARG B 14 2.91 6.68 18.38
C ARG B 14 1.61 7.26 18.24
C ARG B 14 1.46 7.09 18.21
N ILE B 15 0.71 6.47 18.81
N ILE B 15 0.56 6.35 18.85
CA ILE B 15 -0.69 6.82 18.84
CA ILE B 15 -0.85 6.66 18.82
C ILE B 15 -1.28 6.53 20.22
C ILE B 15 -1.61 6.02 19.96
N GLY B 16 -1.68 7.60 20.91
N GLY B 16 -2.62 6.74 20.47
CA GLY B 16 -2.00 7.52 22.34
CA GLY B 16 -3.44 6.26 21.57
C GLY B 16 -0.74 7.55 23.19
C GLY B 16 -2.61 5.72 22.73
N GLY B 17 0.31 8.16 22.69
N GLY B 17 -1.47 6.33 22.97
CA GLY B 17 1.61 8.14 23.38
CA GLY B 17 -0.62 5.96 24.10
C GLY B 17 2.22 6.74 23.43
C GLY B 17 0.24 4.73 23.88
N GLN B 18 1.51 5.76 22.87
N GLN B 18 0.27 4.22 22.64
CA GLN B 18 1.98 4.35 22.85
CA GLN B 18 1.14 3.09 22.31
C GLN B 18 2.44 3.89 21.44
C GLN B 18 2.21 3.52 21.27
N LEU B 19 3.44 3.01 21.41
CA LEU B 19 4.32 2.86 20.21
C LEU B 19 3.98 1.58 19.45
N LYS B 20 3.96 1.68 18.12
CA LYS B 20 3.65 0.55 17.24
C LYS B 20 4.56 0.62 16.02
N GLU B 21 4.71 -0.49 15.33
N GLU B 21 4.72 -0.51 15.33
CA GLU B 21 5.38 -0.50 14.04
CA GLU B 21 5.36 -0.53 14.02
C GLU B 21 4.31 -0.44 12.95
C GLU B 21 4.28 -0.41 12.96
N ALA B 22 4.53 0.40 11.94
CA ALA B 22 3.56 0.59 10.86
C ALA B 22 4.23 0.70 9.53
N LEU B 23 3.51 0.32 8.50
CA LEU B 23 3.99 0.27 7.13
C LEU B 23 3.66 1.54 6.37
N LEU B 24 4.64 2.24 5.83
CA LEU B 24 4.41 3.43 5.04
C LEU B 24 3.91 2.97 3.71
N ASN B 25 2.66 3.26 3.40
CA ASN B 25 1.97 2.61 2.33
C ASN B 25 1.37 3.56 1.30
N THR B 26 2.08 3.80 0.22
CA THR B 26 1.59 4.66 -0.81
C THR B 26 0.39 4.10 -1.57
N GLY B 27 0.17 2.81 -1.46
CA GLY B 27 -1.01 2.14 -2.00
C GLY B 27 -2.27 2.17 -1.13
N ALA B 28 -2.25 2.95 -0.04
CA ALA B 28 -3.37 3.09 0.85
C ALA B 28 -3.84 4.54 0.90
N ASP B 29 -5.12 4.75 0.63
CA ASP B 29 -5.73 6.07 0.77
C ASP B 29 -5.70 6.53 2.23
N ASP B 30 -5.96 5.58 3.12
N ASP B 30 -5.95 5.60 3.14
CA ASP B 30 -6.24 5.85 4.52
CA ASP B 30 -6.13 5.95 4.53
C ASP B 30 -5.25 5.09 5.43
C ASP B 30 -5.25 5.09 5.44
N THR B 31 -5.24 5.47 6.70
CA THR B 31 -4.42 4.83 7.70
C THR B 31 -5.24 3.84 8.49
N VAL B 32 -4.77 2.59 8.51
CA VAL B 32 -5.51 1.51 9.14
C VAL B 32 -4.65 0.83 10.18
N LEU B 33 -5.15 0.78 11.39
CA LEU B 33 -4.43 0.19 12.51
C LEU B 33 -5.06 -1.12 12.95
N GLU B 34 -4.22 -2.05 13.34
CA GLU B 34 -4.63 -3.32 13.92
C GLU B 34 -5.59 -3.07 15.08
N GLU B 35 -6.50 -3.99 15.28
CA GLU B 35 -7.50 -3.86 16.34
C GLU B 35 -6.88 -3.37 17.66
N MET B 36 -7.45 -2.29 18.18
CA MET B 36 -7.04 -1.72 19.46
C MET B 36 -8.26 -0.99 20.04
N ASN B 37 -8.36 -0.99 21.37
N ASN B 37 -8.36 -0.98 21.37
CA ASN B 37 -9.52 -0.38 22.05
CA ASN B 37 -9.52 -0.38 22.00
C ASN B 37 -9.34 1.12 22.24
C ASN B 37 -9.34 1.11 22.24
N LEU B 38 -9.32 1.85 21.13
CA LEU B 38 -9.12 3.29 21.15
C LEU B 38 -10.37 4.00 21.69
N PRO B 39 -10.20 4.96 22.61
CA PRO B 39 -11.41 5.70 23.02
C PRO B 39 -11.83 6.68 21.97
N GLY B 40 -13.05 7.16 22.09
CA GLY B 40 -13.54 8.22 21.22
C GLY B 40 -14.73 7.79 20.39
N LYS B 41 -15.36 8.78 19.76
CA LYS B 41 -16.48 8.55 18.86
C LYS B 41 -15.95 8.03 17.54
N TRP B 42 -16.69 7.13 16.92
CA TRP B 42 -16.29 6.59 15.63
C TRP B 42 -17.48 6.37 14.75
N LYS B 43 -17.24 6.20 13.46
CA LYS B 43 -18.27 5.75 12.55
C LYS B 43 -17.84 4.53 11.75
N PRO B 44 -18.80 3.68 11.41
CA PRO B 44 -18.48 2.51 10.63
C PRO B 44 -18.07 2.84 9.20
N LYS B 45 -17.17 2.04 8.66
CA LYS B 45 -16.66 2.25 7.34
C LYS B 45 -16.30 0.91 6.78
N MET B 46 -16.41 0.76 5.47
N MET B 46 -16.41 0.79 5.46
CA MET B 46 -15.87 -0.43 4.82
CA MET B 46 -15.92 -0.37 4.73
C MET B 46 -14.77 -0.02 3.85
C MET B 46 -14.73 0.05 3.88
N ILE B 47 -13.64 -0.73 3.93
CA ILE B 47 -12.47 -0.42 3.10
C ILE B 47 -12.09 -1.62 2.26
N GLY B 48 -11.57 -1.33 1.08
CA GLY B 48 -11.31 -2.36 0.13
C GLY B 48 -9.85 -2.60 -0.05
N GLY B 49 -9.51 -3.84 -0.30
N GLY B 49 -9.52 -3.75 -0.58
CA GLY B 49 -8.12 -4.26 -0.48
CA GLY B 49 -8.20 -3.97 -1.17
C GLY B 49 -8.01 -5.23 -1.63
C GLY B 49 -8.19 -5.28 -1.89
N ILE B 50 -6.94 -6.00 -1.63
N ILE B 50 -7.00 -5.83 -2.09
CA ILE B 50 -6.64 -6.86 -2.76
CA ILE B 50 -6.90 -7.16 -2.64
C ILE B 50 -7.69 -7.95 -2.90
C ILE B 50 -7.64 -8.13 -1.75
N GLY B 51 -8.22 -8.42 -1.75
N GLY B 51 -8.53 -8.91 -2.34
CA GLY B 51 -9.06 -9.64 -1.72
CA GLY B 51 -9.24 -9.91 -1.61
C GLY B 51 -10.56 -9.42 -1.52
C GLY B 51 -10.58 -9.46 -1.09
N GLY B 52 -10.92 -8.17 -1.21
CA GLY B 52 -12.28 -7.76 -0.85
C GLY B 52 -12.30 -6.63 0.15
N PHE B 53 -13.39 -6.54 0.91
CA PHE B 53 -13.59 -5.45 1.83
C PHE B 53 -13.55 -5.96 3.27
N ILE B 54 -13.16 -5.08 4.19
CA ILE B 54 -13.32 -5.33 5.61
C ILE B 54 -14.01 -4.12 6.28
N LYS B 55 -14.63 -4.40 7.41
CA LYS B 55 -15.28 -3.37 8.20
C LYS B 55 -14.27 -2.80 9.19
N VAL B 56 -14.28 -1.49 9.33
CA VAL B 56 -13.41 -0.80 10.28
C VAL B 56 -14.17 0.33 11.00
N ARG B 57 -13.57 0.80 12.09
CA ARG B 57 -14.09 1.96 12.81
C ARG B 57 -13.27 3.17 12.42
N GLN B 58 -13.96 4.23 12.05
CA GLN B 58 -13.32 5.46 11.62
C GLN B 58 -13.32 6.49 12.74
N TYR B 59 -12.13 6.84 13.20
CA TYR B 59 -11.90 7.89 14.21
C TYR B 59 -11.27 9.11 13.55
N ASP B 60 -11.83 10.29 13.82
CA ASP B 60 -11.34 11.52 13.22
C ASP B 60 -10.51 12.36 14.19
N GLN B 61 -9.60 13.15 13.62
N GLN B 61 -9.61 13.16 13.62
CA GLN B 61 -8.80 14.11 14.39
CA GLN B 61 -8.79 14.11 14.36
C GLN B 61 -8.01 13.46 15.50
C GLN B 61 -8.02 13.46 15.50
N ILE B 62 -7.38 12.32 15.18
CA ILE B 62 -6.53 11.60 16.12
C ILE B 62 -5.07 12.01 15.94
N PRO B 63 -4.43 12.49 17.03
CA PRO B 63 -3.00 12.79 16.91
C PRO B 63 -2.19 11.54 16.76
N ILE B 64 -1.18 11.59 15.92
CA ILE B 64 -0.33 10.45 15.72
C ILE B 64 1.05 10.97 15.34
N GLU B 65 2.08 10.31 15.84
CA GLU B 65 3.44 10.68 15.47
C GLU B 65 4.06 9.56 14.63
N ILE B 66 4.70 9.93 13.53
CA ILE B 66 5.29 8.95 12.60
C ILE B 66 6.76 9.24 12.50
N CYS B 67 7.57 8.37 13.10
CA CYS B 67 9.02 8.49 13.02
C CYS B 67 9.45 9.91 13.44
N GLY B 68 8.84 10.41 14.51
CA GLY B 68 9.16 11.72 15.07
C GLY B 68 8.36 12.89 14.51
N HIS B 69 7.60 12.65 13.45
CA HIS B 69 6.86 13.72 12.79
C HIS B 69 5.40 13.72 13.22
N LYS B 70 4.94 14.85 13.75
CA LYS B 70 3.58 14.94 14.24
C LYS B 70 2.56 15.04 13.10
N VAL B 71 1.44 14.36 13.28
CA VAL B 71 0.34 14.40 12.33
C VAL B 71 -0.95 14.36 13.12
N ILE B 72 -2.05 14.68 12.47
CA ILE B 72 -3.34 14.53 13.07
C ILE B 72 -4.37 14.31 11.99
N GLY B 73 -5.17 13.28 12.13
CA GLY B 73 -6.19 13.01 11.13
C GLY B 73 -6.99 11.77 11.40
N THR B 74 -7.55 11.24 10.34
CA THR B 74 -8.38 10.07 10.44
C THR B 74 -7.56 8.81 10.56
N VAL B 75 -7.97 7.97 11.51
CA VAL B 75 -7.37 6.68 11.70
C VAL B 75 -8.48 5.65 11.70
N LEU B 76 -8.29 4.57 10.94
CA LEU B 76 -9.25 3.48 10.87
C LEU B 76 -8.71 2.35 11.71
N VAL B 77 -9.60 1.67 12.42
CA VAL B 77 -9.21 0.56 13.29
C VAL B 77 -10.00 -0.69 12.93
N GLY B 78 -9.30 -1.78 12.71
CA GLY B 78 -9.97 -3.00 12.34
C GLY B 78 -9.03 -4.13 12.11
N PRO B 79 -9.56 -5.24 11.58
CA PRO B 79 -8.80 -6.49 11.52
C PRO B 79 -7.81 -6.53 10.36
N THR B 80 -7.01 -5.48 10.23
CA THR B 80 -5.87 -5.50 9.30
C THR B 80 -4.75 -6.37 9.90
N PRO B 81 -3.99 -7.10 9.05
CA PRO B 81 -2.86 -7.90 9.54
C PRO B 81 -1.61 -7.08 9.84
N VAL B 82 -1.61 -5.81 9.45
CA VAL B 82 -0.46 -4.94 9.63
C VAL B 82 -0.96 -3.52 9.85
N ASN B 83 -0.27 -2.75 10.68
CA ASN B 83 -0.56 -1.31 10.80
C ASN B 83 -0.08 -0.62 9.55
N ILE B 84 -0.93 0.24 9.01
CA ILE B 84 -0.72 0.89 7.73
C ILE B 84 -0.86 2.40 7.86
N ILE B 85 0.18 3.11 7.44
CA ILE B 85 0.11 4.55 7.30
C ILE B 85 -0.14 4.88 5.85
N GLY B 86 -1.30 5.46 5.60
CA GLY B 86 -1.74 5.75 4.26
C GLY B 86 -1.52 7.20 3.88
N ARG B 87 -1.98 7.54 2.68
CA ARG B 87 -1.65 8.82 2.10
C ARG B 87 -2.21 9.98 2.91
N ASN B 88 -3.31 9.76 3.63
CA ASN B 88 -3.90 10.88 4.42
C ASN B 88 -2.92 11.44 5.44
N LEU B 89 -2.03 10.59 5.97
CA LEU B 89 -1.00 11.03 6.93
C LEU B 89 0.38 11.20 6.28
N LEU B 90 0.71 10.40 5.28
CA LEU B 90 1.97 10.56 4.56
C LEU B 90 2.11 11.98 4.00
N THR B 91 1.00 12.56 3.55
CA THR B 91 1.06 13.94 3.01
C THR B 91 1.40 14.93 4.14
N GLN B 92 0.87 14.69 5.33
CA GLN B 92 1.06 15.63 6.45
C GLN B 92 2.51 15.65 6.94
N ILE B 93 3.22 14.54 6.73
CA ILE B 93 4.63 14.50 7.12
C ILE B 93 5.58 14.79 5.95
N GLY B 94 5.03 15.16 4.80
CA GLY B 94 5.83 15.63 3.67
C GLY B 94 6.57 14.51 2.97
N CYS B 95 5.98 13.31 3.02
CA CYS B 95 6.57 12.11 2.40
C CYS B 95 6.31 12.09 0.89
N THR B 96 7.37 11.81 0.12
CA THR B 96 7.30 11.71 -1.33
C THR B 96 7.94 10.39 -1.78
N LEU B 97 7.57 9.96 -2.99
CA LEU B 97 8.26 8.90 -3.70
C LEU B 97 9.23 9.52 -4.66
N ASN B 98 10.42 8.98 -4.73
CA ASN B 98 11.47 9.55 -5.57
C ASN B 98 12.18 8.49 -6.35
N PHE B 99 12.31 8.71 -7.65
CA PHE B 99 13.19 7.88 -8.46
C PHE B 99 13.68 8.65 -9.67
N ARG C 1 0.64 -15.90 4.55
CA ARG C 1 1.30 -14.59 4.91
C ARG C 1 0.89 -13.48 3.93
N PRO C 2 -0.01 -12.58 4.37
CA PRO C 2 -0.42 -11.51 3.45
C PRO C 2 0.75 -10.56 3.13
N GLY C 3 0.76 -10.06 1.90
CA GLY C 3 1.86 -9.22 1.44
C GLY C 3 1.53 -8.00 0.56
N ASN C 4 0.27 -7.83 0.16
N ASN C 4 0.30 -7.88 0.10
CA ASN C 4 -0.07 -6.76 -0.78
CA ASN C 4 -0.08 -6.75 -0.72
C ASN C 4 -1.17 -5.79 -0.28
C ASN C 4 -1.15 -5.90 -0.07
N PHE C 5 -0.76 -4.74 0.41
CA PHE C 5 -1.68 -3.92 1.19
C PHE C 5 -2.23 -2.70 0.48
N LEU C 6 -2.63 -2.89 -0.76
CA LEU C 6 -3.57 -1.99 -1.40
C LEU C 6 -4.71 -1.66 -0.45
N GLN C 7 -5.01 -0.40 -0.31
CA GLN C 7 -6.21 -0.03 0.44
C GLN C 7 -6.92 1.18 -0.16
N SER C 8 -8.23 1.03 -0.30
CA SER C 8 -9.02 2.08 -0.88
C SER C 8 -10.21 2.37 0.02
N SER C 9 -10.58 3.64 0.11
N SER C 9 -10.57 3.65 0.08
CA SER C 9 -11.76 4.01 0.88
CA SER C 9 -11.72 4.10 0.83
C SER C 9 -12.78 4.63 -0.07
C SER C 9 -12.76 4.60 -0.18
N PRO C 10 -13.98 4.04 -0.11
CA PRO C 10 -15.07 4.52 -0.98
C PRO C 10 -15.39 6.00 -0.78
#